data_1PBQ
#
_entry.id   1PBQ
#
_cell.length_a   85.700
_cell.length_b   65.300
_cell.length_c   124.300
_cell.angle_alpha   90.00
_cell.angle_beta   98.10
_cell.angle_gamma   90.00
#
_symmetry.space_group_name_H-M   'C 1 2 1'
#
loop_
_entity.id
_entity.type
_entity.pdbx_description
1 polymer 'N-methyl-D-aspartate Receptor Subunit 1'
2 non-polymer '5,7-DICHLORO-4-HYDROXYQUINOLINE-2-CARBOXYLIC ACID'
3 water water
#
_entity_poly.entity_id   1
_entity_poly.type   'polypeptide(L)'
_entity_poly.pdbx_seq_one_letter_code
;GMSTRLKIVTIHQEPFVYVKPTMSDGTCKEEFTVNGDPVKKVICTGPNDTSPGSPRHTVPQCCYGFCIDLLIKLARTMNF
TYEVHLVADGKFGTQERVNNSNKKEWNGMMGELLSGQADMIVAPLTINNERAQYIEFSKPFKYQGLTILVKKGTRITGIN
DPRLRNPSDKFIYATVKQSSVDIYFRRQVELSTMYRHMEKHNYESAAEAIQAVRDNKLHAFIWDSAVLEFEASQKCDLVT
TGELFFRSGFGIGMRKDSPWKQNVSLSILKSHENGFMEDLDKTWVRYQECDS
;
_entity_poly.pdbx_strand_id   A,B
#
loop_
_chem_comp.id
_chem_comp.type
_chem_comp.name
_chem_comp.formula
DK1 non-polymer '5,7-DICHLORO-4-HYDROXYQUINOLINE-2-CARBOXYLIC ACID' 'C10 H5 Cl2 N O3'
#
# COMPACT_ATOMS: atom_id res chain seq x y z
N ARG A 5 15.60 12.53 -29.05
CA ARG A 5 15.37 13.36 -27.83
C ARG A 5 14.15 12.89 -27.03
N LEU A 6 14.30 12.84 -25.72
CA LEU A 6 13.21 12.42 -24.84
C LEU A 6 12.09 13.45 -24.84
N LYS A 7 10.87 13.01 -25.05
CA LYS A 7 9.72 13.90 -25.04
C LYS A 7 9.31 14.09 -23.58
N ILE A 8 9.53 15.28 -23.04
CA ILE A 8 9.15 15.57 -21.66
C ILE A 8 7.81 16.27 -21.65
N VAL A 9 6.91 15.85 -20.75
CA VAL A 9 5.64 16.52 -20.64
C VAL A 9 5.61 17.16 -19.27
N THR A 10 5.09 18.37 -19.19
CA THR A 10 5.02 19.05 -17.90
C THR A 10 3.72 19.82 -17.87
N ILE A 11 3.51 20.57 -16.79
CA ILE A 11 2.26 21.32 -16.64
C ILE A 11 2.51 22.62 -15.90
N HIS A 12 1.65 23.61 -16.11
CA HIS A 12 1.79 24.89 -15.43
C HIS A 12 1.36 24.67 -13.99
N GLN A 13 2.28 24.84 -13.04
CA GLN A 13 1.97 24.64 -11.63
C GLN A 13 3.04 25.31 -10.79
N GLU A 14 2.82 26.59 -10.51
CA GLU A 14 3.78 27.37 -9.73
C GLU A 14 3.80 26.82 -8.30
N PRO A 15 4.98 26.83 -7.66
CA PRO A 15 6.27 27.31 -8.16
C PRO A 15 7.16 26.22 -8.78
N PHE A 16 6.57 25.09 -9.14
CA PHE A 16 7.36 24.02 -9.73
C PHE A 16 7.60 24.24 -11.23
N VAL A 17 6.60 24.79 -11.91
CA VAL A 17 6.72 25.07 -13.33
C VAL A 17 5.97 26.36 -13.67
N TYR A 18 6.72 27.39 -14.03
CA TYR A 18 6.14 28.67 -14.44
C TYR A 18 6.07 28.62 -15.96
N VAL A 19 5.10 29.32 -16.55
CA VAL A 19 4.96 29.37 -18.01
C VAL A 19 4.74 30.81 -18.42
N LYS A 20 5.65 31.35 -19.23
CA LYS A 20 5.53 32.73 -19.67
C LYS A 20 5.77 32.86 -21.19
N PRO A 21 5.31 33.97 -21.80
CA PRO A 21 5.50 34.16 -23.23
C PRO A 21 6.96 34.48 -23.54
N THR A 22 7.40 34.22 -24.76
CA THR A 22 8.76 34.55 -25.13
C THR A 22 8.75 36.05 -25.43
N MET A 23 9.93 36.65 -25.46
CA MET A 23 10.02 38.08 -25.77
C MET A 23 9.85 38.23 -27.28
N SER A 24 9.84 39.47 -27.75
CA SER A 24 9.65 39.78 -29.17
C SER A 24 10.59 39.07 -30.15
N ASP A 25 11.80 38.74 -29.69
CA ASP A 25 12.77 38.07 -30.56
C ASP A 25 12.74 36.55 -30.40
N GLY A 26 11.71 36.05 -29.72
CA GLY A 26 11.58 34.61 -29.52
C GLY A 26 12.38 33.98 -28.41
N THR A 27 13.16 34.77 -27.66
CA THR A 27 13.95 34.20 -26.57
C THR A 27 13.23 34.41 -25.24
N CYS A 28 13.78 33.82 -24.17
CA CYS A 28 13.21 33.97 -22.84
C CYS A 28 13.97 35.03 -22.06
N LYS A 29 13.23 35.99 -21.51
CA LYS A 29 13.82 37.09 -20.74
C LYS A 29 14.90 36.62 -19.76
N GLU A 30 16.02 37.31 -19.75
CA GLU A 30 17.09 36.96 -18.84
C GLU A 30 16.69 37.53 -17.50
N GLU A 31 16.53 36.65 -16.52
CA GLU A 31 16.13 37.08 -15.18
C GLU A 31 17.07 36.42 -14.20
N PHE A 32 17.04 36.88 -12.96
CA PHE A 32 17.91 36.31 -11.93
C PHE A 32 17.16 36.21 -10.62
N THR A 33 17.58 35.27 -9.79
CA THR A 33 16.96 35.09 -8.47
C THR A 33 17.38 36.27 -7.60
N VAL A 34 16.68 36.46 -6.49
CA VAL A 34 17.02 37.55 -5.57
C VAL A 34 18.45 37.29 -5.11
N ASN A 35 18.83 36.01 -5.14
CA ASN A 35 20.17 35.57 -4.75
C ASN A 35 21.21 36.09 -5.73
N GLY A 36 20.73 36.54 -6.89
CA GLY A 36 21.62 37.07 -7.91
C GLY A 36 22.00 36.13 -9.03
N ASP A 37 21.69 34.85 -8.88
CA ASP A 37 22.03 33.85 -9.91
C ASP A 37 21.09 33.89 -11.11
N PRO A 38 21.56 33.46 -12.28
CA PRO A 38 20.77 33.44 -13.51
C PRO A 38 19.69 32.35 -13.47
N VAL A 39 18.46 32.72 -13.78
CA VAL A 39 17.37 31.75 -13.79
C VAL A 39 17.44 30.88 -15.04
N LYS A 40 17.55 29.57 -14.85
CA LYS A 40 17.62 28.64 -15.96
C LYS A 40 16.24 28.51 -16.59
N LYS A 41 16.17 28.58 -17.92
CA LYS A 41 14.89 28.47 -18.60
C LYS A 41 14.99 27.57 -19.83
N VAL A 42 13.85 27.02 -20.23
CA VAL A 42 13.79 26.14 -21.38
C VAL A 42 12.56 26.51 -22.19
N ILE A 43 12.61 26.27 -23.50
CA ILE A 43 11.46 26.55 -24.32
C ILE A 43 10.54 25.33 -24.22
N CYS A 44 9.27 25.58 -23.93
CA CYS A 44 8.30 24.50 -23.83
C CYS A 44 7.13 24.87 -24.73
N THR A 45 6.74 23.96 -25.61
CA THR A 45 5.64 24.23 -26.52
C THR A 45 4.33 23.72 -25.92
N GLY A 46 3.24 24.41 -26.23
CA GLY A 46 1.94 23.99 -25.71
C GLY A 46 0.78 24.74 -26.32
N VAL A 59 2.65 26.98 -29.75
CA VAL A 59 3.40 28.22 -29.57
C VAL A 59 4.53 28.02 -28.56
N PRO A 60 5.78 28.36 -28.96
CA PRO A 60 6.92 28.22 -28.06
C PRO A 60 6.77 29.17 -26.88
N GLN A 61 6.92 28.64 -25.68
CA GLN A 61 6.81 29.45 -24.46
C GLN A 61 8.01 29.19 -23.57
N CYS A 62 8.10 29.94 -22.48
CA CYS A 62 9.22 29.82 -21.54
C CYS A 62 8.80 29.11 -20.25
N CYS A 63 9.51 28.05 -19.90
CA CYS A 63 9.25 27.28 -18.68
C CYS A 63 10.47 27.35 -17.76
N TYR A 64 10.20 27.47 -16.46
CA TYR A 64 11.26 27.51 -15.46
C TYR A 64 10.64 27.24 -14.08
N GLY A 65 11.49 26.92 -13.12
CA GLY A 65 11.02 26.65 -11.78
C GLY A 65 11.70 25.42 -11.22
N PHE A 66 11.23 25.01 -10.05
CA PHE A 66 11.75 23.85 -9.32
C PHE A 66 11.98 22.61 -10.16
N CYS A 67 10.93 22.16 -10.85
CA CYS A 67 11.04 20.95 -11.66
C CYS A 67 11.88 21.14 -12.92
N ILE A 68 11.94 22.36 -13.45
CA ILE A 68 12.77 22.61 -14.63
C ILE A 68 14.24 22.52 -14.22
N ASP A 69 14.57 23.05 -13.05
CA ASP A 69 15.93 22.97 -12.52
C ASP A 69 16.29 21.50 -12.34
N LEU A 70 15.33 20.72 -11.87
CA LEU A 70 15.55 19.30 -11.66
C LEU A 70 15.78 18.58 -13.00
N LEU A 71 14.93 18.88 -13.98
CA LEU A 71 15.05 18.26 -15.31
C LEU A 71 16.46 18.50 -15.87
N ILE A 72 16.93 19.74 -15.77
CA ILE A 72 18.25 20.11 -16.26
C ILE A 72 19.33 19.30 -15.55
N LYS A 73 19.23 19.20 -14.22
CA LYS A 73 20.20 18.44 -13.44
C LYS A 73 20.21 16.99 -13.91
N LEU A 74 19.03 16.43 -14.15
CA LEU A 74 18.92 15.05 -14.60
C LEU A 74 19.49 14.91 -16.00
N ALA A 75 19.06 15.77 -16.91
CA ALA A 75 19.54 15.72 -18.28
C ALA A 75 21.06 15.73 -18.30
N ARG A 76 21.65 16.58 -17.46
CA ARG A 76 23.10 16.70 -17.38
C ARG A 76 23.79 15.48 -16.79
N THR A 77 23.37 15.04 -15.61
CA THR A 77 23.98 13.89 -14.94
C THR A 77 23.72 12.56 -15.65
N MET A 78 22.58 12.46 -16.34
CA MET A 78 22.25 11.23 -17.05
C MET A 78 22.61 11.33 -18.52
N ASN A 79 23.05 12.52 -18.91
CA ASN A 79 23.46 12.76 -20.28
C ASN A 79 22.42 12.32 -21.32
N PHE A 80 21.33 13.06 -21.43
CA PHE A 80 20.31 12.76 -22.41
C PHE A 80 19.75 14.06 -22.96
N THR A 81 19.31 14.05 -24.22
CA THR A 81 18.75 15.26 -24.82
C THR A 81 17.25 15.20 -24.64
N TYR A 82 16.59 16.35 -24.70
CA TYR A 82 15.15 16.38 -24.50
C TYR A 82 14.47 17.57 -25.17
N GLU A 83 13.14 17.51 -25.17
CA GLU A 83 12.27 18.54 -25.72
C GLU A 83 11.07 18.57 -24.78
N VAL A 84 10.66 19.75 -24.34
CA VAL A 84 9.55 19.87 -23.41
C VAL A 84 8.29 20.45 -24.02
N HIS A 85 7.14 19.88 -23.64
CA HIS A 85 5.87 20.40 -24.11
C HIS A 85 4.86 20.35 -22.97
N LEU A 86 3.88 21.24 -23.01
CA LEU A 86 2.84 21.31 -21.98
C LEU A 86 1.71 20.35 -22.33
N VAL A 87 1.26 19.58 -21.34
CA VAL A 87 0.18 18.61 -21.55
C VAL A 87 -0.96 19.27 -22.31
N ALA A 88 -1.41 18.60 -23.37
CA ALA A 88 -2.47 19.13 -24.21
C ALA A 88 -3.78 19.48 -23.51
N ASP A 89 -4.26 18.61 -22.61
CA ASP A 89 -5.53 18.91 -21.94
C ASP A 89 -5.39 19.64 -20.61
N GLY A 90 -4.18 20.04 -20.26
CA GLY A 90 -3.94 20.77 -19.01
C GLY A 90 -4.24 20.05 -17.71
N LYS A 91 -4.23 18.72 -17.71
CA LYS A 91 -4.51 17.95 -16.50
C LYS A 91 -3.34 17.07 -16.07
N PHE A 92 -3.28 16.74 -14.78
CA PHE A 92 -2.22 15.90 -14.26
C PHE A 92 -2.48 14.46 -14.71
N GLY A 93 -3.72 14.02 -14.53
CA GLY A 93 -4.10 12.68 -14.95
C GLY A 93 -4.92 11.84 -13.99
N THR A 94 -6.13 11.48 -14.44
CA THR A 94 -7.04 10.63 -13.66
C THR A 94 -7.77 9.74 -14.65
N GLN A 95 -8.29 8.61 -14.19
CA GLN A 95 -9.04 7.71 -15.06
C GLN A 95 -10.49 8.18 -15.13
N GLU A 96 -10.92 8.57 -16.32
CA GLU A 96 -12.28 9.04 -16.52
C GLU A 96 -12.98 8.21 -17.59
N ARG A 97 -14.31 8.28 -17.64
CA ARG A 97 -15.09 7.53 -18.61
C ARG A 97 -15.03 8.22 -19.98
N VAL A 98 -14.94 7.42 -21.04
CA VAL A 98 -14.86 7.97 -22.39
C VAL A 98 -16.18 7.87 -23.15
N ASN A 99 -16.43 8.83 -24.02
CA ASN A 99 -17.64 8.91 -24.84
C ASN A 99 -18.86 8.20 -24.25
N ASN A 100 -19.40 8.77 -23.17
CA ASN A 100 -20.58 8.23 -22.50
C ASN A 100 -20.63 6.71 -22.36
N SER A 101 -19.50 6.09 -22.05
CA SER A 101 -19.46 4.65 -21.87
C SER A 101 -18.93 4.32 -20.48
N ASN A 102 -18.76 3.03 -20.20
CA ASN A 102 -18.23 2.59 -18.93
C ASN A 102 -16.74 2.32 -19.08
N LYS A 103 -16.22 2.57 -20.28
CA LYS A 103 -14.80 2.37 -20.55
C LYS A 103 -14.08 3.59 -20.01
N LYS A 104 -13.05 3.36 -19.21
CA LYS A 104 -12.30 4.47 -18.63
C LYS A 104 -10.88 4.54 -19.19
N GLU A 105 -10.35 5.76 -19.27
CA GLU A 105 -8.99 5.96 -19.76
C GLU A 105 -8.33 7.14 -19.07
N TRP A 106 -7.03 7.04 -18.88
CA TRP A 106 -6.26 8.10 -18.23
C TRP A 106 -6.20 9.33 -19.12
N ASN A 107 -6.40 10.50 -18.52
CA ASN A 107 -6.29 11.76 -19.25
C ASN A 107 -5.02 12.46 -18.75
N GLY A 108 -4.89 13.75 -19.05
CA GLY A 108 -3.72 14.50 -18.59
C GLY A 108 -2.38 13.91 -18.97
N MET A 109 -1.38 14.15 -18.12
CA MET A 109 -0.03 13.66 -18.37
C MET A 109 0.09 12.14 -18.27
N MET A 110 -0.71 11.53 -17.39
CA MET A 110 -0.71 10.08 -17.27
C MET A 110 -1.06 9.52 -18.64
N GLY A 111 -2.10 10.07 -19.23
CA GLY A 111 -2.55 9.63 -20.54
C GLY A 111 -1.53 9.79 -21.66
N GLU A 112 -0.80 10.92 -21.67
CA GLU A 112 0.20 11.15 -22.71
C GLU A 112 1.41 10.24 -22.58
N LEU A 113 1.77 9.91 -21.36
CA LEU A 113 2.90 9.03 -21.09
C LEU A 113 2.60 7.61 -21.55
N LEU A 114 1.36 7.18 -21.28
CA LEU A 114 0.92 5.84 -21.66
C LEU A 114 0.70 5.71 -23.15
N SER A 115 0.35 6.81 -23.82
CA SER A 115 0.10 6.79 -25.26
C SER A 115 1.37 7.02 -26.09
N GLY A 116 2.45 7.38 -25.42
CA GLY A 116 3.70 7.60 -26.12
C GLY A 116 3.94 9.05 -26.53
N GLN A 117 2.95 9.90 -26.32
CA GLN A 117 3.10 11.32 -26.67
C GLN A 117 4.17 11.96 -25.79
N ALA A 118 4.58 11.24 -24.75
CA ALA A 118 5.62 11.68 -23.83
C ALA A 118 6.39 10.44 -23.36
N ASP A 119 7.65 10.61 -22.99
CA ASP A 119 8.47 9.50 -22.52
C ASP A 119 8.79 9.66 -21.05
N MET A 120 8.41 10.80 -20.50
CA MET A 120 8.69 11.08 -19.10
C MET A 120 7.88 12.27 -18.64
N ILE A 121 7.34 12.16 -17.43
CA ILE A 121 6.57 13.25 -16.85
C ILE A 121 7.45 13.92 -15.82
N VAL A 122 7.70 15.22 -16.00
CA VAL A 122 8.52 15.94 -15.05
C VAL A 122 7.67 17.08 -14.56
N ALA A 123 7.12 16.91 -13.36
CA ALA A 123 6.22 17.88 -12.77
C ALA A 123 5.93 17.39 -11.36
N PRO A 124 5.20 18.17 -10.56
CA PRO A 124 4.91 17.69 -9.21
C PRO A 124 3.73 16.72 -9.33
N LEU A 125 4.03 15.50 -9.78
CA LEU A 125 3.02 14.47 -9.99
C LEU A 125 2.93 13.61 -8.73
N THR A 126 1.80 13.69 -8.05
CA THR A 126 1.62 12.94 -6.80
C THR A 126 1.62 11.43 -7.00
N ILE A 127 2.41 10.76 -6.18
CA ILE A 127 2.52 9.31 -6.21
C ILE A 127 1.34 8.66 -5.48
N ASN A 128 0.71 7.68 -6.12
CA ASN A 128 -0.38 6.95 -5.49
C ASN A 128 -0.53 5.58 -6.16
N ASN A 129 -1.08 4.62 -5.42
CA ASN A 129 -1.24 3.26 -5.91
C ASN A 129 -1.97 3.09 -7.25
N GLU A 130 -3.05 3.82 -7.44
CA GLU A 130 -3.80 3.73 -8.69
C GLU A 130 -2.88 4.01 -9.89
N ARG A 131 -2.13 5.10 -9.81
CA ARG A 131 -1.20 5.49 -10.88
C ARG A 131 -0.05 4.49 -11.01
N ALA A 132 0.50 4.07 -9.88
CA ALA A 132 1.62 3.14 -9.86
C ALA A 132 1.31 1.80 -10.55
N GLN A 133 0.04 1.51 -10.75
CA GLN A 133 -0.34 0.26 -11.40
C GLN A 133 -0.11 0.36 -12.91
N TYR A 134 -0.17 1.57 -13.44
CA TYR A 134 0.01 1.76 -14.88
C TYR A 134 1.37 2.32 -15.30
N ILE A 135 1.97 3.15 -14.45
CA ILE A 135 3.27 3.71 -14.77
C ILE A 135 4.25 3.43 -13.64
N GLU A 136 5.48 3.91 -13.81
CA GLU A 136 6.52 3.73 -12.80
C GLU A 136 6.96 5.08 -12.24
N PHE A 137 7.03 5.19 -10.92
CA PHE A 137 7.47 6.41 -10.27
C PHE A 137 8.91 6.29 -9.80
N SER A 138 9.65 7.38 -9.87
CA SER A 138 11.02 7.38 -9.39
C SER A 138 10.90 7.56 -7.89
N LYS A 139 12.03 7.53 -7.19
CA LYS A 139 12.01 7.77 -5.75
C LYS A 139 11.50 9.22 -5.65
N PRO A 140 10.72 9.55 -4.61
CA PRO A 140 10.21 10.92 -4.48
C PRO A 140 11.31 12.00 -4.46
N PHE A 141 11.17 13.05 -5.27
CA PHE A 141 12.17 14.12 -5.27
C PHE A 141 11.78 15.18 -4.24
N LYS A 142 10.58 15.05 -3.70
CA LYS A 142 10.08 15.95 -2.68
C LYS A 142 8.81 15.35 -2.08
N TYR A 143 8.65 15.47 -0.76
CA TYR A 143 7.45 14.94 -0.13
C TYR A 143 6.28 15.84 -0.45
N GLN A 144 5.07 15.29 -0.40
CA GLN A 144 3.86 16.03 -0.69
C GLN A 144 2.88 15.91 0.46
N GLY A 145 1.94 16.84 0.52
CA GLY A 145 0.95 16.82 1.58
C GLY A 145 0.10 18.08 1.49
N LEU A 146 -0.90 18.17 2.37
CA LEU A 146 -1.76 19.31 2.40
C LEU A 146 -1.53 20.08 3.69
N THR A 147 -1.84 21.37 3.65
CA THR A 147 -1.73 22.20 4.84
C THR A 147 -2.85 23.21 4.76
N ILE A 148 -2.91 24.11 5.73
CA ILE A 148 -3.97 25.09 5.77
C ILE A 148 -3.43 26.51 5.77
N LEU A 149 -4.01 27.34 4.91
CA LEU A 149 -3.61 28.74 4.82
C LEU A 149 -4.65 29.59 5.51
N VAL A 150 -4.19 30.51 6.37
CA VAL A 150 -5.09 31.40 7.10
C VAL A 150 -4.45 32.78 7.18
N LYS A 151 -5.19 33.79 7.62
CA LYS A 151 -4.61 35.12 7.75
C LYS A 151 -3.79 35.10 9.05
N LYS A 152 -2.69 35.85 9.08
CA LYS A 152 -1.83 35.90 10.26
C LYS A 152 -2.64 36.17 11.52
N GLY A 153 -2.36 35.41 12.57
CA GLY A 153 -3.08 35.57 13.82
C GLY A 153 -4.11 34.48 14.04
N THR A 154 -4.69 33.97 12.96
CA THR A 154 -5.70 32.92 13.09
C THR A 154 -5.03 31.65 13.60
N ARG A 155 -5.67 30.99 14.57
CA ARG A 155 -5.12 29.77 15.16
C ARG A 155 -5.91 28.51 14.80
N ILE A 156 -5.25 27.62 14.06
CA ILE A 156 -5.82 26.34 13.63
C ILE A 156 -4.73 25.28 13.79
N THR A 157 -5.01 24.24 14.56
CA THR A 157 -4.02 23.18 14.81
C THR A 157 -3.82 22.19 13.66
N GLY A 158 -4.71 22.20 12.69
CA GLY A 158 -4.58 21.27 11.58
C GLY A 158 -5.92 20.72 11.17
N ILE A 159 -5.91 19.59 10.45
CA ILE A 159 -7.13 18.97 9.95
C ILE A 159 -8.05 18.44 11.06
N ASN A 160 -7.54 18.35 12.28
CA ASN A 160 -8.34 17.85 13.39
C ASN A 160 -8.79 18.95 14.34
N ASP A 161 -8.51 20.20 13.98
CA ASP A 161 -8.90 21.33 14.81
C ASP A 161 -10.43 21.37 14.93
N PRO A 162 -10.95 21.72 16.12
CA PRO A 162 -12.39 21.80 16.38
C PRO A 162 -13.20 22.57 15.34
N ARG A 163 -12.71 23.74 14.94
CA ARG A 163 -13.42 24.56 13.96
C ARG A 163 -13.49 23.97 12.56
N LEU A 164 -12.72 22.91 12.32
CA LEU A 164 -12.75 22.22 11.03
C LEU A 164 -13.63 20.98 11.17
N ARG A 165 -13.43 20.25 12.27
CA ARG A 165 -14.18 19.03 12.53
C ARG A 165 -15.66 19.29 12.80
N ASN A 166 -15.98 20.48 13.35
CA ASN A 166 -17.36 20.83 13.65
C ASN A 166 -17.71 22.18 12.99
N PRO A 167 -18.06 22.15 11.69
CA PRO A 167 -18.44 23.25 10.79
C PRO A 167 -19.61 24.16 11.18
N SER A 168 -19.49 25.43 10.83
CA SER A 168 -20.52 26.43 11.06
C SER A 168 -20.20 27.65 10.20
N ASP A 169 -21.21 28.44 9.86
CA ASP A 169 -21.00 29.64 9.06
C ASP A 169 -20.03 30.63 9.68
N LYS A 170 -19.71 30.45 10.97
CA LYS A 170 -18.81 31.36 11.67
C LYS A 170 -17.35 31.29 11.24
N PHE A 171 -16.92 30.11 10.77
CA PHE A 171 -15.54 29.93 10.31
C PHE A 171 -15.59 29.16 8.99
N ILE A 172 -15.47 29.89 7.89
CA ILE A 172 -15.53 29.32 6.56
C ILE A 172 -14.21 28.77 6.02
N TYR A 173 -14.21 27.48 5.67
CA TYR A 173 -13.01 26.89 5.08
C TYR A 173 -13.40 26.21 3.78
N ALA A 174 -12.43 26.05 2.88
CA ALA A 174 -12.74 25.47 1.59
C ALA A 174 -11.49 25.13 0.78
N THR A 175 -11.73 24.61 -0.43
CA THR A 175 -10.66 24.28 -1.35
C THR A 175 -11.13 24.68 -2.75
N VAL A 176 -10.47 24.18 -3.79
CA VAL A 176 -10.85 24.52 -5.17
C VAL A 176 -11.79 23.46 -5.76
N LYS A 177 -12.91 23.92 -6.30
CA LYS A 177 -13.90 23.00 -6.89
C LYS A 177 -13.31 22.10 -7.95
N GLN A 178 -13.66 20.82 -7.87
CA GLN A 178 -13.22 19.78 -8.81
C GLN A 178 -11.71 19.54 -8.84
N SER A 179 -11.02 19.97 -7.79
CA SER A 179 -9.58 19.79 -7.69
C SER A 179 -9.33 18.42 -7.07
N SER A 180 -8.07 18.00 -7.08
CA SER A 180 -7.70 16.72 -6.48
C SER A 180 -8.09 16.71 -5.00
N VAL A 181 -7.98 17.86 -4.34
CA VAL A 181 -8.33 17.95 -2.92
C VAL A 181 -9.84 17.77 -2.73
N ASP A 182 -10.62 18.47 -3.55
CA ASP A 182 -12.08 18.41 -3.50
C ASP A 182 -12.55 16.97 -3.73
N ILE A 183 -11.97 16.32 -4.73
CA ILE A 183 -12.32 14.95 -5.06
C ILE A 183 -11.96 13.98 -3.94
N TYR A 184 -10.83 14.25 -3.28
CA TYR A 184 -10.37 13.42 -2.19
C TYR A 184 -11.31 13.53 -0.98
N PHE A 185 -11.70 14.75 -0.66
CA PHE A 185 -12.61 14.96 0.48
C PHE A 185 -13.98 14.36 0.21
N ARG A 186 -14.40 14.41 -1.05
CA ARG A 186 -15.68 13.88 -1.48
C ARG A 186 -15.75 12.36 -1.32
N ARG A 187 -14.62 11.70 -1.53
CA ARG A 187 -14.54 10.24 -1.44
C ARG A 187 -14.31 9.66 -0.06
N GLN A 188 -13.91 10.49 0.90
CA GLN A 188 -13.66 10.01 2.24
C GLN A 188 -14.92 10.07 3.11
N VAL A 189 -15.44 8.91 3.48
CA VAL A 189 -16.64 8.84 4.31
C VAL A 189 -16.38 9.53 5.64
N GLU A 190 -15.15 9.38 6.14
CA GLU A 190 -14.74 9.97 7.41
C GLU A 190 -14.72 11.50 7.36
N LEU A 191 -14.73 12.08 6.16
CA LEU A 191 -14.68 13.54 6.04
C LEU A 191 -16.00 14.15 5.57
N SER A 192 -17.05 13.34 5.54
CA SER A 192 -18.36 13.80 5.08
C SER A 192 -18.80 15.11 5.73
N THR A 193 -18.56 15.24 7.03
CA THR A 193 -18.96 16.46 7.73
C THR A 193 -18.26 17.70 7.16
N MET A 194 -16.94 17.60 6.99
CA MET A 194 -16.16 18.70 6.45
C MET A 194 -16.49 18.97 4.98
N TYR A 195 -16.75 17.92 4.22
CA TYR A 195 -17.06 18.06 2.81
C TYR A 195 -18.38 18.78 2.55
N ARG A 196 -19.37 18.55 3.39
CA ARG A 196 -20.68 19.19 3.22
C ARG A 196 -20.53 20.71 3.41
N HIS A 197 -19.60 21.09 4.28
CA HIS A 197 -19.35 22.50 4.54
C HIS A 197 -18.54 23.09 3.37
N MET A 198 -17.49 22.38 2.96
CA MET A 198 -16.62 22.82 1.87
C MET A 198 -17.36 22.99 0.54
N GLU A 199 -18.21 22.03 0.19
CA GLU A 199 -18.95 22.10 -1.06
C GLU A 199 -19.75 23.40 -1.15
N LYS A 200 -20.11 23.97 0.00
CA LYS A 200 -20.87 25.21 0.00
C LYS A 200 -19.99 26.45 -0.22
N HIS A 201 -18.68 26.31 -0.05
CA HIS A 201 -17.79 27.46 -0.18
C HIS A 201 -16.59 27.32 -1.13
N ASN A 202 -16.44 26.17 -1.78
CA ASN A 202 -15.32 25.93 -2.67
C ASN A 202 -15.18 27.05 -3.72
N TYR A 203 -13.94 27.33 -4.13
CA TYR A 203 -13.67 28.39 -5.10
C TYR A 203 -13.34 27.88 -6.50
N GLU A 204 -13.44 28.77 -7.48
CA GLU A 204 -13.17 28.43 -8.86
C GLU A 204 -11.69 28.18 -9.16
N SER A 205 -10.80 28.84 -8.41
CA SER A 205 -9.37 28.66 -8.63
C SER A 205 -8.62 28.89 -7.33
N ALA A 206 -7.39 28.39 -7.25
CA ALA A 206 -6.59 28.57 -6.05
C ALA A 206 -6.26 30.05 -5.87
N ALA A 207 -5.99 30.75 -6.97
CA ALA A 207 -5.68 32.17 -6.88
C ALA A 207 -6.80 32.94 -6.18
N GLU A 208 -8.04 32.69 -6.59
CA GLU A 208 -9.19 33.36 -6.00
C GLU A 208 -9.36 33.00 -4.52
N ALA A 209 -9.07 31.76 -4.17
CA ALA A 209 -9.20 31.31 -2.79
C ALA A 209 -8.16 32.00 -1.91
N ILE A 210 -6.92 32.02 -2.38
CA ILE A 210 -5.84 32.67 -1.65
C ILE A 210 -6.17 34.15 -1.42
N GLN A 211 -6.67 34.81 -2.46
CA GLN A 211 -7.05 36.22 -2.35
C GLN A 211 -8.18 36.39 -1.36
N ALA A 212 -9.11 35.44 -1.35
CA ALA A 212 -10.26 35.51 -0.43
C ALA A 212 -9.79 35.45 1.03
N VAL A 213 -8.70 34.74 1.29
CA VAL A 213 -8.17 34.65 2.65
C VAL A 213 -7.55 36.00 3.00
N ARG A 214 -6.82 36.60 2.06
CA ARG A 214 -6.20 37.91 2.29
C ARG A 214 -7.27 38.94 2.56
N ASP A 215 -8.40 38.82 1.86
CA ASP A 215 -9.50 39.76 2.01
C ASP A 215 -10.50 39.43 3.12
N ASN A 216 -10.17 38.44 3.95
CA ASN A 216 -11.03 38.03 5.06
C ASN A 216 -12.42 37.53 4.66
N LYS A 217 -12.53 36.93 3.47
CA LYS A 217 -13.81 36.41 2.99
C LYS A 217 -13.83 34.90 3.15
N LEU A 218 -12.65 34.31 3.17
CA LEU A 218 -12.45 32.87 3.35
C LEU A 218 -11.50 32.81 4.54
N HIS A 219 -11.87 32.06 5.58
CA HIS A 219 -11.03 31.97 6.77
C HIS A 219 -9.91 30.94 6.72
N ALA A 220 -10.11 29.86 5.96
CA ALA A 220 -9.07 28.83 5.83
C ALA A 220 -9.14 28.16 4.45
N PHE A 221 -7.97 28.02 3.82
CA PHE A 221 -7.84 27.38 2.50
C PHE A 221 -6.99 26.13 2.58
N ILE A 222 -7.57 24.98 2.23
CA ILE A 222 -6.89 23.69 2.27
C ILE A 222 -6.28 23.43 0.88
N TRP A 223 -4.98 23.20 0.81
CA TRP A 223 -4.36 23.03 -0.51
C TRP A 223 -2.96 22.46 -0.38
N ASP A 224 -2.28 22.26 -1.51
CA ASP A 224 -0.93 21.72 -1.51
C ASP A 224 0.00 22.52 -0.59
N SER A 225 0.79 21.80 0.20
CA SER A 225 1.69 22.43 1.16
C SER A 225 2.78 23.30 0.56
N ALA A 226 3.39 22.86 -0.54
CA ALA A 226 4.45 23.64 -1.19
C ALA A 226 3.87 24.95 -1.72
N VAL A 227 2.74 24.87 -2.40
CA VAL A 227 2.08 26.05 -2.94
C VAL A 227 1.76 27.05 -1.82
N LEU A 228 1.16 26.58 -0.74
CA LEU A 228 0.80 27.47 0.35
C LEU A 228 2.01 28.09 1.07
N GLU A 229 3.08 27.32 1.25
CA GLU A 229 4.28 27.85 1.89
C GLU A 229 4.89 28.91 0.98
N PHE A 230 4.79 28.66 -0.33
CA PHE A 230 5.29 29.60 -1.34
C PHE A 230 4.51 30.92 -1.15
N GLU A 231 3.19 30.83 -1.09
CA GLU A 231 2.36 32.02 -0.91
C GLU A 231 2.67 32.75 0.39
N ALA A 232 2.78 32.00 1.49
CA ALA A 232 3.05 32.59 2.79
C ALA A 232 4.41 33.28 2.87
N SER A 233 5.39 32.75 2.14
CA SER A 233 6.73 33.32 2.16
C SER A 233 6.81 34.68 1.46
N GLN A 234 5.82 34.98 0.63
CA GLN A 234 5.81 36.24 -0.11
C GLN A 234 4.78 37.24 0.41
N LYS A 235 3.77 36.74 1.11
CA LYS A 235 2.72 37.61 1.64
C LYS A 235 2.67 37.56 3.17
N CYS A 236 3.16 38.63 3.79
CA CYS A 236 3.23 38.76 5.24
C CYS A 236 1.94 38.49 6.03
N ASP A 237 0.79 38.86 5.44
CA ASP A 237 -0.50 38.67 6.11
C ASP A 237 -1.04 37.24 6.04
N LEU A 238 -0.30 36.34 5.41
CA LEU A 238 -0.72 34.95 5.27
C LEU A 238 0.28 34.01 5.92
N VAL A 239 -0.21 32.93 6.51
CA VAL A 239 0.64 31.92 7.15
C VAL A 239 0.01 30.55 6.98
N THR A 240 0.82 29.50 7.02
CA THR A 240 0.28 28.15 6.94
C THR A 240 0.21 27.73 8.41
N THR A 241 -0.61 26.75 8.71
CA THR A 241 -0.77 26.34 10.10
C THR A 241 -1.16 24.88 10.21
N GLY A 242 -0.82 24.28 11.34
CA GLY A 242 -1.15 22.89 11.58
C GLY A 242 -0.17 21.94 10.93
N GLU A 243 -0.22 20.67 11.32
CA GLU A 243 0.68 19.67 10.77
C GLU A 243 0.24 19.26 9.36
N LEU A 244 1.21 18.91 8.52
CA LEU A 244 0.93 18.47 7.16
C LEU A 244 0.11 17.17 7.25
N PHE A 245 -0.86 17.02 6.36
CA PHE A 245 -1.68 15.81 6.37
C PHE A 245 -1.92 15.22 4.99
N PHE A 246 -2.36 13.96 4.98
CA PHE A 246 -2.61 13.22 3.75
C PHE A 246 -1.33 13.30 2.92
N ARG A 247 -0.24 12.85 3.53
CA ARG A 247 1.08 12.88 2.93
C ARG A 247 1.37 11.83 1.87
N SER A 248 2.39 12.13 1.06
CA SER A 248 2.85 11.26 -0.01
C SER A 248 4.09 11.95 -0.58
N GLY A 249 4.30 11.80 -1.88
CA GLY A 249 5.45 12.43 -2.49
C GLY A 249 5.23 12.73 -3.97
N PHE A 250 6.17 13.49 -4.54
CA PHE A 250 6.13 13.83 -5.96
C PHE A 250 7.27 13.04 -6.58
N GLY A 251 7.00 12.41 -7.73
CA GLY A 251 8.05 11.65 -8.39
C GLY A 251 7.98 11.84 -9.90
N ILE A 252 9.04 11.46 -10.59
CA ILE A 252 9.13 11.54 -12.05
C ILE A 252 8.37 10.34 -12.61
N GLY A 253 7.55 10.56 -13.64
CA GLY A 253 6.79 9.48 -14.22
C GLY A 253 7.36 8.92 -15.52
N MET A 254 7.41 7.59 -15.61
CA MET A 254 7.93 6.90 -16.79
C MET A 254 7.15 5.60 -16.98
N ARG A 255 7.14 5.08 -18.20
CA ARG A 255 6.46 3.81 -18.47
C ARG A 255 7.26 2.74 -17.72
N LYS A 256 6.61 1.64 -17.37
CA LYS A 256 7.27 0.57 -16.62
C LYS A 256 8.52 -0.03 -17.25
N ASP A 257 8.54 -0.13 -18.58
CA ASP A 257 9.69 -0.71 -19.26
C ASP A 257 10.72 0.34 -19.65
N SER A 258 10.77 1.45 -18.92
CA SER A 258 11.71 2.53 -19.21
C SER A 258 13.15 2.17 -18.84
N PRO A 259 14.12 2.60 -19.67
CA PRO A 259 15.54 2.35 -19.46
C PRO A 259 16.21 3.34 -18.50
N TRP A 260 15.53 4.45 -18.21
CA TRP A 260 16.07 5.47 -17.33
C TRP A 260 15.60 5.33 -15.89
N LYS A 261 14.71 4.36 -15.66
CA LYS A 261 14.15 4.10 -14.33
C LYS A 261 15.13 4.20 -13.17
N GLN A 262 16.00 3.20 -13.04
CA GLN A 262 16.98 3.16 -11.96
C GLN A 262 17.90 4.38 -11.91
N ASN A 263 18.31 4.86 -13.08
CA ASN A 263 19.20 6.02 -13.13
C ASN A 263 18.55 7.31 -12.65
N VAL A 264 17.26 7.49 -12.91
CA VAL A 264 16.56 8.69 -12.46
C VAL A 264 16.52 8.71 -10.93
N SER A 265 16.20 7.57 -10.33
CA SER A 265 16.13 7.48 -8.87
C SER A 265 17.49 7.67 -8.20
N LEU A 266 18.52 7.02 -8.75
CA LEU A 266 19.86 7.15 -8.19
C LEU A 266 20.30 8.60 -8.16
N SER A 267 19.94 9.34 -9.21
CA SER A 267 20.29 10.75 -9.31
C SER A 267 19.52 11.59 -8.29
N ILE A 268 18.23 11.28 -8.13
CA ILE A 268 17.40 12.01 -7.17
C ILE A 268 17.91 11.80 -5.74
N LEU A 269 18.31 10.57 -5.42
CA LEU A 269 18.83 10.25 -4.09
C LEU A 269 20.10 11.06 -3.82
N LYS A 270 20.96 11.15 -4.84
CA LYS A 270 22.20 11.90 -4.72
C LYS A 270 21.91 13.38 -4.47
N SER A 271 20.90 13.90 -5.17
CA SER A 271 20.51 15.30 -5.02
C SER A 271 19.94 15.58 -3.64
N HIS A 272 19.34 14.58 -3.02
CA HIS A 272 18.79 14.72 -1.67
C HIS A 272 19.98 14.80 -0.72
N GLU A 273 20.88 13.84 -0.86
CA GLU A 273 22.07 13.73 -0.01
C GLU A 273 23.01 14.93 -0.04
N ASN A 274 23.25 15.49 -1.22
CA ASN A 274 24.16 16.62 -1.33
C ASN A 274 23.54 18.00 -1.05
N GLY A 275 22.25 18.02 -0.72
CA GLY A 275 21.60 19.28 -0.43
C GLY A 275 21.00 20.03 -1.61
N PHE A 276 21.12 19.46 -2.80
CA PHE A 276 20.57 20.09 -3.99
C PHE A 276 19.05 20.24 -3.94
N MET A 277 18.34 19.21 -3.49
CA MET A 277 16.88 19.30 -3.43
C MET A 277 16.45 20.40 -2.45
N GLU A 278 17.17 20.51 -1.32
CA GLU A 278 16.85 21.55 -0.35
C GLU A 278 17.16 22.92 -0.94
N ASP A 279 18.19 23.00 -1.77
CA ASP A 279 18.55 24.26 -2.41
C ASP A 279 17.40 24.72 -3.29
N LEU A 280 16.82 23.79 -4.05
CA LEU A 280 15.68 24.13 -4.92
C LEU A 280 14.51 24.67 -4.10
N ASP A 281 14.30 24.08 -2.93
CA ASP A 281 13.21 24.50 -2.06
C ASP A 281 13.47 25.94 -1.58
N LYS A 282 14.70 26.23 -1.20
CA LYS A 282 15.07 27.57 -0.74
C LYS A 282 14.86 28.59 -1.86
N THR A 283 15.21 28.20 -3.09
CA THR A 283 15.10 29.06 -4.24
C THR A 283 13.68 29.33 -4.73
N TRP A 284 12.90 28.26 -4.88
CA TRP A 284 11.54 28.38 -5.41
C TRP A 284 10.36 28.36 -4.45
N VAL A 285 10.53 27.84 -3.24
CA VAL A 285 9.41 27.78 -2.31
C VAL A 285 9.54 28.69 -1.09
N ARG A 286 10.59 28.46 -0.31
CA ARG A 286 10.83 29.22 0.92
C ARG A 286 11.57 30.55 0.74
N TYR A 287 10.87 31.60 0.33
CA TYR A 287 11.48 32.91 0.16
C TYR A 287 11.79 33.55 1.52
N GLN A 288 12.85 34.33 1.57
CA GLN A 288 13.26 34.98 2.82
C GLN A 288 12.22 35.96 3.36
N GLU A 289 12.31 37.21 2.93
CA GLU A 289 11.38 38.25 3.39
C GLU A 289 10.05 38.19 2.67
N CYS A 290 8.97 38.37 3.42
CA CYS A 290 7.62 38.37 2.86
C CYS A 290 7.35 39.75 2.25
N ARG B 5 17.27 -4.18 1.34
CA ARG B 5 16.30 -4.31 2.47
C ARG B 5 14.90 -4.66 1.99
N LEU B 6 14.62 -5.96 1.90
CA LEU B 6 13.32 -6.43 1.43
C LEU B 6 12.16 -6.17 2.39
N LYS B 7 11.01 -5.78 1.83
CA LYS B 7 9.82 -5.56 2.64
C LYS B 7 9.07 -6.88 2.69
N ILE B 8 9.06 -7.51 3.86
CA ILE B 8 8.37 -8.79 4.03
C ILE B 8 6.97 -8.56 4.59
N VAL B 9 5.96 -9.14 3.95
CA VAL B 9 4.61 -9.00 4.47
C VAL B 9 4.15 -10.35 5.03
N THR B 10 3.44 -10.31 6.16
CA THR B 10 2.97 -11.55 6.76
C THR B 10 1.56 -11.35 7.33
N ILE B 11 1.05 -12.34 8.06
CA ILE B 11 -0.30 -12.24 8.61
C ILE B 11 -0.38 -13.01 9.92
N HIS B 12 -1.22 -12.56 10.83
CA HIS B 12 -1.34 -13.22 12.13
C HIS B 12 -2.11 -14.55 12.01
N GLN B 13 -1.40 -15.67 12.13
CA GLN B 13 -2.02 -16.99 12.07
C GLN B 13 -1.17 -18.03 12.77
N GLU B 14 -1.54 -18.32 14.01
CA GLU B 14 -0.83 -19.32 14.80
C GLU B 14 -1.04 -20.68 14.14
N PRO B 15 -0.04 -21.57 14.21
CA PRO B 15 1.28 -21.43 14.83
C PRO B 15 2.37 -20.96 13.85
N PHE B 16 1.95 -20.45 12.70
CA PHE B 16 2.88 -19.96 11.68
C PHE B 16 3.43 -18.59 12.04
N VAL B 17 2.54 -17.72 12.51
CA VAL B 17 2.93 -16.38 12.92
C VAL B 17 2.15 -15.91 14.15
N TYR B 18 2.84 -15.84 15.28
CA TYR B 18 2.23 -15.35 16.52
C TYR B 18 2.55 -13.86 16.55
N VAL B 19 1.64 -13.07 17.10
CA VAL B 19 1.85 -11.62 17.21
C VAL B 19 1.54 -11.22 18.65
N LYS B 20 2.52 -10.64 19.35
CA LYS B 20 2.34 -10.24 20.74
C LYS B 20 2.90 -8.84 20.98
N PRO B 21 2.47 -8.18 22.06
CA PRO B 21 2.97 -6.82 22.36
C PRO B 21 4.42 -6.85 22.79
N THR B 22 5.12 -5.74 22.60
CA THR B 22 6.51 -5.63 23.02
C THR B 22 6.48 -5.30 24.51
N MET B 23 7.60 -5.49 25.20
CA MET B 23 7.67 -5.17 26.63
C MET B 23 7.68 -3.65 26.80
N SER B 24 7.64 -3.18 28.05
CA SER B 24 7.62 -1.75 28.33
C SER B 24 8.75 -0.95 27.67
N ASP B 25 9.93 -1.55 27.52
CA ASP B 25 11.05 -0.87 26.92
C ASP B 25 11.13 -1.07 25.40
N GLY B 26 10.07 -1.64 24.82
CA GLY B 26 10.04 -1.85 23.38
C GLY B 26 10.72 -3.10 22.84
N THR B 27 11.26 -3.96 23.70
CA THR B 27 11.92 -5.17 23.24
C THR B 27 10.92 -6.34 23.25
N CYS B 28 11.34 -7.48 22.72
CA CYS B 28 10.51 -8.68 22.70
C CYS B 28 11.04 -9.59 23.79
N LYS B 29 10.17 -9.93 24.74
CA LYS B 29 10.54 -10.77 25.86
C LYS B 29 11.24 -12.07 25.47
N GLU B 30 12.35 -12.37 26.15
CA GLU B 30 13.09 -13.59 25.89
C GLU B 30 12.28 -14.81 26.31
N GLU B 31 12.22 -15.81 25.44
CA GLU B 31 11.50 -17.03 25.73
C GLU B 31 12.19 -18.21 25.07
N PHE B 32 12.07 -19.38 25.70
CA PHE B 32 12.66 -20.60 25.18
C PHE B 32 11.57 -21.66 25.09
N THR B 33 11.79 -22.67 24.28
CA THR B 33 10.83 -23.76 24.11
C THR B 33 10.99 -24.72 25.29
N VAL B 34 10.03 -25.63 25.44
CA VAL B 34 10.07 -26.61 26.52
C VAL B 34 11.34 -27.45 26.41
N ASN B 35 11.87 -27.57 25.19
CA ASN B 35 13.07 -28.35 24.95
C ASN B 35 14.33 -27.52 25.23
N GLY B 36 14.14 -26.26 25.60
CA GLY B 36 15.29 -25.40 25.89
C GLY B 36 15.75 -24.59 24.70
N ASP B 37 15.05 -24.73 23.58
CA ASP B 37 15.39 -24.00 22.36
C ASP B 37 14.86 -22.57 22.40
N PRO B 38 15.73 -21.58 22.11
CA PRO B 38 15.32 -20.18 22.12
C PRO B 38 14.24 -19.88 21.08
N VAL B 39 13.38 -18.91 21.40
CA VAL B 39 12.32 -18.52 20.48
C VAL B 39 12.74 -17.22 19.81
N LYS B 40 13.14 -17.31 18.55
CA LYS B 40 13.57 -16.13 17.82
C LYS B 40 12.38 -15.24 17.47
N LYS B 41 12.47 -13.97 17.89
CA LYS B 41 11.39 -13.03 17.64
C LYS B 41 11.88 -11.84 16.83
N VAL B 42 11.01 -11.31 15.97
CA VAL B 42 11.34 -10.16 15.14
C VAL B 42 10.29 -9.08 15.32
N ILE B 43 10.69 -7.82 15.16
CA ILE B 43 9.77 -6.72 15.28
C ILE B 43 8.97 -6.64 14.00
N CYS B 44 7.65 -6.56 14.13
CA CYS B 44 6.77 -6.47 12.97
C CYS B 44 5.74 -5.39 13.26
N THR B 45 5.60 -4.44 12.34
CA THR B 45 4.64 -3.37 12.52
C THR B 45 3.33 -3.76 11.86
N PRO B 60 4.85 -1.09 16.79
CA PRO B 60 5.79 -2.21 16.73
C PRO B 60 5.34 -3.35 17.65
N GLN B 61 5.26 -4.56 17.09
CA GLN B 61 4.86 -5.73 17.87
C GLN B 61 5.86 -6.85 17.66
N CYS B 62 5.69 -7.95 18.39
CA CYS B 62 6.60 -9.09 18.30
C CYS B 62 5.99 -10.24 17.50
N CYS B 63 6.74 -10.73 16.52
CA CYS B 63 6.31 -11.82 15.67
C CYS B 63 7.26 -13.00 15.82
N TYR B 64 6.70 -14.21 15.87
CA TYR B 64 7.50 -15.43 15.96
C TYR B 64 6.61 -16.59 15.52
N GLY B 65 7.24 -17.72 15.25
CA GLY B 65 6.50 -18.89 14.80
C GLY B 65 7.19 -19.59 13.65
N PHE B 66 6.51 -20.60 13.09
CA PHE B 66 7.02 -21.39 11.99
C PHE B 66 7.53 -20.54 10.81
N CYS B 67 6.73 -19.60 10.34
CA CYS B 67 7.12 -18.76 9.21
C CYS B 67 8.21 -17.73 9.51
N ILE B 68 8.29 -17.29 10.76
CA ILE B 68 9.32 -16.33 11.14
C ILE B 68 10.67 -17.04 11.17
N ASP B 69 10.67 -18.28 11.64
CA ASP B 69 11.90 -19.08 11.67
C ASP B 69 12.38 -19.30 10.24
N LEU B 70 11.43 -19.52 9.34
CA LEU B 70 11.74 -19.76 7.93
C LEU B 70 12.35 -18.49 7.34
N LEU B 71 11.73 -17.35 7.63
CA LEU B 71 12.22 -16.07 7.16
C LEU B 71 13.67 -15.89 7.58
N ILE B 72 13.95 -16.16 8.84
CA ILE B 72 15.30 -16.02 9.38
C ILE B 72 16.30 -16.90 8.64
N LYS B 73 15.90 -18.13 8.34
CA LYS B 73 16.78 -19.06 7.63
C LYS B 73 17.00 -18.58 6.20
N LEU B 74 15.94 -18.09 5.55
CA LEU B 74 16.05 -17.60 4.17
C LEU B 74 16.95 -16.37 4.06
N ALA B 75 16.83 -15.47 5.01
CA ALA B 75 17.62 -14.24 5.00
C ALA B 75 19.11 -14.54 5.16
N ARG B 76 19.42 -15.54 5.99
CA ARG B 76 20.80 -15.92 6.23
C ARG B 76 21.41 -16.71 5.08
N THR B 77 20.62 -17.62 4.50
CA THR B 77 21.11 -18.43 3.40
C THR B 77 21.21 -17.67 2.07
N MET B 78 20.33 -16.70 1.88
CA MET B 78 20.31 -15.89 0.66
C MET B 78 20.93 -14.52 0.90
N ASN B 79 21.44 -14.34 2.12
CA ASN B 79 22.08 -13.10 2.52
C ASN B 79 21.36 -11.81 2.12
N PHE B 80 20.25 -11.53 2.78
CA PHE B 80 19.52 -10.30 2.54
C PHE B 80 19.01 -9.76 3.87
N THR B 81 18.71 -8.47 3.92
CA THR B 81 18.18 -7.87 5.14
C THR B 81 16.70 -7.65 4.89
N TYR B 82 15.93 -7.45 5.94
CA TYR B 82 14.50 -7.28 5.77
C TYR B 82 13.83 -6.49 6.88
N GLU B 83 12.58 -6.14 6.65
CA GLU B 83 11.73 -5.45 7.61
C GLU B 83 10.35 -6.09 7.42
N VAL B 84 9.74 -6.52 8.52
CA VAL B 84 8.44 -7.19 8.47
C VAL B 84 7.27 -6.34 8.93
N HIS B 85 6.14 -6.47 8.23
CA HIS B 85 4.92 -5.76 8.61
C HIS B 85 3.72 -6.65 8.32
N LEU B 86 2.67 -6.50 9.12
CA LEU B 86 1.45 -7.29 8.97
C LEU B 86 0.58 -6.68 7.88
N VAL B 87 0.01 -7.51 7.02
CA VAL B 87 -0.85 -7.04 5.93
C VAL B 87 -1.89 -6.06 6.48
N ALA B 88 -1.98 -4.89 5.86
CA ALA B 88 -2.89 -3.83 6.29
C ALA B 88 -4.37 -4.19 6.44
N ASP B 89 -4.94 -4.88 5.46
CA ASP B 89 -6.35 -5.25 5.54
C ASP B 89 -6.59 -6.60 6.19
N GLY B 90 -5.51 -7.22 6.67
CA GLY B 90 -5.62 -8.51 7.35
C GLY B 90 -6.09 -9.70 6.52
N LYS B 91 -5.94 -9.65 5.21
CA LYS B 91 -6.38 -10.74 4.35
C LYS B 91 -5.24 -11.42 3.60
N PHE B 92 -5.47 -12.67 3.20
CA PHE B 92 -4.47 -13.43 2.45
C PHE B 92 -4.48 -12.92 1.01
N GLY B 93 -5.68 -12.66 0.48
CA GLY B 93 -5.79 -12.14 -0.88
C GLY B 93 -6.72 -12.83 -1.88
N THR B 94 -7.73 -12.09 -2.34
CA THR B 94 -8.67 -12.57 -3.34
C THR B 94 -8.97 -11.41 -4.27
N GLN B 95 -9.50 -11.70 -5.45
CA GLN B 95 -9.84 -10.65 -6.42
C GLN B 95 -11.28 -10.20 -6.23
N GLU B 96 -11.47 -8.88 -6.13
CA GLU B 96 -12.82 -8.33 -5.96
C GLU B 96 -12.92 -6.92 -6.52
N LYS B 104 -12.02 -4.95 -10.54
CA LYS B 104 -11.62 -5.91 -9.51
C LYS B 104 -10.11 -6.03 -9.40
N GLU B 105 -9.61 -5.95 -8.18
CA GLU B 105 -8.17 -6.04 -7.93
C GLU B 105 -7.90 -6.91 -6.70
N TRP B 106 -6.71 -7.51 -6.64
CA TRP B 106 -6.34 -8.35 -5.51
C TRP B 106 -6.19 -7.53 -4.24
N ASN B 107 -6.69 -8.07 -3.12
CA ASN B 107 -6.55 -7.40 -1.84
C ASN B 107 -5.56 -8.24 -1.02
N GLY B 108 -5.51 -8.01 0.29
CA GLY B 108 -4.62 -8.77 1.15
C GLY B 108 -3.15 -8.72 0.79
N MET B 109 -2.42 -9.78 1.13
CA MET B 109 -1.00 -9.87 0.85
C MET B 109 -0.74 -9.96 -0.65
N MET B 110 -1.63 -10.61 -1.38
CA MET B 110 -1.47 -10.71 -2.82
C MET B 110 -1.41 -9.30 -3.37
N GLY B 111 -2.32 -8.45 -2.90
CA GLY B 111 -2.39 -7.07 -3.34
C GLY B 111 -1.16 -6.23 -2.99
N GLU B 112 -0.64 -6.42 -1.79
CA GLU B 112 0.52 -5.66 -1.35
C GLU B 112 1.80 -6.07 -2.07
N LEU B 113 1.87 -7.32 -2.51
CA LEU B 113 3.04 -7.82 -3.22
C LEU B 113 3.04 -7.26 -4.64
N LEU B 114 1.84 -7.13 -5.22
CA LEU B 114 1.70 -6.60 -6.57
C LEU B 114 1.84 -5.07 -6.61
N SER B 115 1.43 -4.40 -5.54
CA SER B 115 1.52 -2.95 -5.48
C SER B 115 2.93 -2.49 -5.09
N GLY B 116 3.75 -3.44 -4.63
CA GLY B 116 5.10 -3.10 -4.23
C GLY B 116 5.21 -2.81 -2.74
N GLN B 117 4.08 -2.79 -2.04
CA GLN B 117 4.11 -2.53 -0.60
C GLN B 117 4.89 -3.64 0.11
N ALA B 118 5.16 -4.71 -0.63
CA ALA B 118 5.92 -5.84 -0.12
C ALA B 118 6.74 -6.45 -1.26
N ASP B 119 7.87 -7.06 -0.93
CA ASP B 119 8.72 -7.69 -1.92
C ASP B 119 8.61 -9.21 -1.81
N MET B 120 8.13 -9.70 -0.68
CA MET B 120 8.01 -11.14 -0.47
C MET B 120 6.91 -11.45 0.54
N ILE B 121 6.15 -12.52 0.29
CA ILE B 121 5.10 -12.94 1.22
C ILE B 121 5.66 -14.16 1.95
N VAL B 122 5.77 -14.07 3.26
CA VAL B 122 6.27 -15.18 4.06
C VAL B 122 5.15 -15.43 5.04
N ALA B 123 4.26 -16.34 4.65
CA ALA B 123 3.08 -16.67 5.45
C ALA B 123 2.51 -17.98 4.91
N PRO B 124 1.52 -18.55 5.60
CA PRO B 124 0.95 -19.81 5.10
C PRO B 124 0.01 -19.46 3.94
N LEU B 125 0.60 -19.04 2.83
CA LEU B 125 -0.14 -18.63 1.63
C LEU B 125 -0.40 -19.85 0.75
N THR B 126 -1.66 -20.20 0.57
CA THR B 126 -1.99 -21.38 -0.22
C THR B 126 -1.73 -21.22 -1.72
N ILE B 127 -1.05 -22.21 -2.29
CA ILE B 127 -0.74 -22.19 -3.71
C ILE B 127 -1.94 -22.68 -4.53
N ASN B 128 -2.28 -21.92 -5.56
CA ASN B 128 -3.37 -22.30 -6.46
C ASN B 128 -3.17 -21.64 -7.82
N ASN B 129 -3.83 -22.18 -8.83
CA ASN B 129 -3.68 -21.68 -10.20
C ASN B 129 -4.01 -20.21 -10.43
N GLU B 130 -5.10 -19.72 -9.86
CA GLU B 130 -5.48 -18.33 -10.04
C GLU B 130 -4.37 -17.38 -9.57
N ARG B 131 -3.83 -17.66 -8.39
CA ARG B 131 -2.76 -16.84 -7.81
C ARG B 131 -1.46 -16.93 -8.61
N ALA B 132 -1.10 -18.14 -9.02
CA ALA B 132 0.12 -18.36 -9.79
C ALA B 132 0.10 -17.67 -11.15
N GLN B 133 -1.04 -17.10 -11.52
CA GLN B 133 -1.17 -16.40 -12.79
C GLN B 133 -0.69 -14.96 -12.63
N TYR B 134 -0.59 -14.51 -11.38
CA TYR B 134 -0.15 -13.14 -11.10
C TYR B 134 1.18 -13.05 -10.36
N ILE B 135 1.54 -14.10 -9.61
CA ILE B 135 2.79 -14.11 -8.88
C ILE B 135 3.50 -15.45 -9.03
N GLU B 136 4.69 -15.54 -8.46
CA GLU B 136 5.45 -16.77 -8.52
C GLU B 136 5.56 -17.36 -7.11
N PHE B 137 5.24 -18.63 -6.97
CA PHE B 137 5.33 -19.31 -5.68
C PHE B 137 6.62 -20.12 -5.66
N SER B 138 7.21 -20.25 -4.49
CA SER B 138 8.41 -21.06 -4.37
C SER B 138 7.86 -22.49 -4.28
N LYS B 139 8.76 -23.46 -4.16
CA LYS B 139 8.34 -24.83 -4.00
C LYS B 139 7.66 -24.79 -2.62
N PRO B 140 6.61 -25.58 -2.40
CA PRO B 140 5.96 -25.53 -1.08
C PRO B 140 6.89 -25.86 0.10
N PHE B 141 6.81 -25.06 1.16
CA PHE B 141 7.64 -25.31 2.33
C PHE B 141 6.91 -26.19 3.35
N LYS B 142 5.63 -26.44 3.08
CA LYS B 142 4.80 -27.31 3.92
C LYS B 142 3.51 -27.60 3.16
N TYR B 143 3.05 -28.84 3.21
CA TYR B 143 1.83 -29.19 2.52
C TYR B 143 0.64 -28.66 3.31
N GLN B 144 -0.44 -28.38 2.59
CA GLN B 144 -1.65 -27.84 3.19
C GLN B 144 -2.80 -28.83 2.97
N GLY B 145 -3.84 -28.68 3.78
CA GLY B 145 -4.99 -29.54 3.65
C GLY B 145 -5.99 -29.18 4.72
N LEU B 146 -7.17 -29.78 4.64
CA LEU B 146 -8.21 -29.53 5.61
C LEU B 146 -8.40 -30.79 6.45
N THR B 147 -8.87 -30.61 7.68
CA THR B 147 -9.14 -31.73 8.55
C THR B 147 -10.41 -31.42 9.34
N ILE B 148 -10.71 -32.26 10.32
CA ILE B 148 -11.94 -32.13 11.10
C ILE B 148 -11.70 -32.16 12.60
N LEU B 149 -12.20 -31.14 13.29
CA LEU B 149 -12.06 -31.02 14.75
C LEU B 149 -13.34 -31.48 15.46
N VAL B 150 -13.19 -32.38 16.42
CA VAL B 150 -14.34 -32.90 17.15
C VAL B 150 -13.97 -33.13 18.63
N LYS B 151 -14.97 -33.45 19.46
CA LYS B 151 -14.70 -33.73 20.87
C LYS B 151 -14.00 -35.07 20.99
N LYS B 152 -13.05 -35.17 21.91
CA LYS B 152 -12.32 -36.42 22.12
C LYS B 152 -13.31 -37.58 22.20
N GLY B 153 -12.97 -38.70 21.57
CA GLY B 153 -13.84 -39.86 21.58
C GLY B 153 -14.73 -39.98 20.36
N THR B 154 -14.94 -38.87 19.65
CA THR B 154 -15.78 -38.88 18.44
C THR B 154 -14.95 -39.34 17.25
N ARG B 155 -15.56 -40.12 16.35
CA ARG B 155 -14.83 -40.61 15.19
C ARG B 155 -15.48 -40.34 13.83
N ILE B 156 -14.73 -39.67 12.97
CA ILE B 156 -15.15 -39.33 11.62
C ILE B 156 -13.98 -39.72 10.73
N THR B 157 -14.25 -40.52 9.70
CA THR B 157 -13.21 -41.00 8.80
C THR B 157 -12.61 -39.96 7.86
N GLY B 158 -13.34 -38.89 7.62
CA GLY B 158 -12.87 -37.86 6.70
C GLY B 158 -14.04 -37.30 5.94
N ILE B 159 -13.77 -36.66 4.81
CA ILE B 159 -14.82 -36.04 4.01
C ILE B 159 -15.83 -37.03 3.41
N ASN B 160 -15.48 -38.31 3.38
CA ASN B 160 -16.41 -39.31 2.82
C ASN B 160 -17.22 -40.05 3.90
N ASP B 161 -17.14 -39.58 5.14
CA ASP B 161 -17.87 -40.22 6.22
C ASP B 161 -19.37 -40.11 5.98
N PRO B 162 -20.12 -41.22 6.18
CA PRO B 162 -21.58 -41.23 5.98
C PRO B 162 -22.32 -40.16 6.78
N ARG B 163 -21.78 -39.79 7.95
CA ARG B 163 -22.44 -38.76 8.76
C ARG B 163 -22.27 -37.37 8.16
N LEU B 164 -21.26 -37.21 7.30
CA LEU B 164 -21.04 -35.92 6.63
C LEU B 164 -21.78 -35.97 5.28
N ARG B 165 -21.66 -37.11 4.60
CA ARG B 165 -22.30 -37.29 3.30
C ARG B 165 -23.83 -37.24 3.37
N ASN B 166 -24.39 -37.70 4.48
CA ASN B 166 -25.86 -37.69 4.68
C ASN B 166 -26.11 -36.96 5.99
N PRO B 167 -26.16 -35.62 5.93
CA PRO B 167 -26.38 -34.75 7.09
C PRO B 167 -27.75 -34.76 7.73
N SER B 168 -27.76 -34.54 9.04
CA SER B 168 -28.97 -34.45 9.84
C SER B 168 -28.60 -33.64 11.09
N ASP B 169 -29.61 -33.17 11.82
CA ASP B 169 -29.40 -32.38 13.03
C ASP B 169 -28.71 -33.15 14.14
N LYS B 170 -28.60 -34.47 14.01
CA LYS B 170 -27.96 -35.29 15.03
C LYS B 170 -26.43 -35.12 15.08
N PHE B 171 -25.85 -34.62 14.00
CA PHE B 171 -24.40 -34.40 13.94
C PHE B 171 -24.17 -33.19 13.04
N ILE B 172 -24.08 -32.03 13.67
CA ILE B 172 -23.90 -30.75 12.97
C ILE B 172 -22.44 -30.44 12.68
N TYR B 173 -22.15 -30.10 11.43
CA TYR B 173 -20.78 -29.75 11.04
C TYR B 173 -20.79 -28.44 10.27
N ALA B 174 -19.68 -27.71 10.31
CA ALA B 174 -19.62 -26.42 9.64
C ALA B 174 -18.20 -25.86 9.57
N THR B 175 -18.10 -24.66 9.01
CA THR B 175 -16.81 -23.98 8.88
C THR B 175 -17.06 -22.49 9.11
N VAL B 176 -16.11 -21.65 8.72
CA VAL B 176 -16.26 -20.21 8.91
C VAL B 176 -16.87 -19.52 7.68
N LYS B 177 -17.88 -18.70 7.92
CA LYS B 177 -18.57 -17.97 6.86
C LYS B 177 -17.61 -17.18 5.97
N GLN B 178 -17.86 -17.23 4.67
CA GLN B 178 -17.06 -16.53 3.66
C GLN B 178 -15.57 -16.81 3.69
N SER B 179 -15.16 -17.81 4.43
CA SER B 179 -13.76 -18.17 4.50
C SER B 179 -13.36 -18.89 3.22
N SER B 180 -12.08 -19.21 3.11
CA SER B 180 -11.56 -19.92 1.95
C SER B 180 -12.23 -21.31 1.87
N VAL B 181 -12.48 -21.91 3.03
CA VAL B 181 -13.11 -23.22 3.11
C VAL B 181 -14.56 -23.17 2.64
N ASP B 182 -15.28 -22.16 3.09
CA ASP B 182 -16.68 -21.96 2.71
C ASP B 182 -16.78 -21.80 1.20
N ILE B 183 -15.83 -21.08 0.62
CA ILE B 183 -15.81 -20.84 -0.82
C ILE B 183 -15.57 -22.13 -1.61
N TYR B 184 -14.63 -22.95 -1.12
CA TYR B 184 -14.32 -24.21 -1.79
C TYR B 184 -15.55 -25.12 -1.86
N PHE B 185 -16.22 -25.30 -0.72
CA PHE B 185 -17.41 -26.15 -0.65
C PHE B 185 -18.54 -25.60 -1.51
N ARG B 186 -18.64 -24.28 -1.58
CA ARG B 186 -19.68 -23.62 -2.37
C ARG B 186 -19.45 -23.84 -3.87
N ARG B 187 -18.20 -24.01 -4.26
CA ARG B 187 -17.85 -24.21 -5.67
C ARG B 187 -17.75 -25.66 -6.14
N GLN B 188 -17.85 -26.61 -5.22
CA GLN B 188 -17.78 -28.02 -5.60
C GLN B 188 -19.19 -28.61 -5.66
N VAL B 189 -19.78 -28.56 -6.85
CA VAL B 189 -21.14 -29.06 -7.06
C VAL B 189 -21.40 -30.42 -6.41
N GLU B 190 -20.42 -31.32 -6.50
CA GLU B 190 -20.54 -32.65 -5.94
C GLU B 190 -20.65 -32.66 -4.40
N LEU B 191 -20.47 -31.49 -3.78
CA LEU B 191 -20.56 -31.40 -2.32
C LEU B 191 -21.78 -30.59 -1.92
N SER B 192 -22.66 -30.37 -2.89
CA SER B 192 -23.88 -29.59 -2.67
C SER B 192 -24.69 -29.95 -1.43
N THR B 193 -24.93 -31.24 -1.18
CA THR B 193 -25.71 -31.63 -0.01
C THR B 193 -24.98 -31.25 1.27
N MET B 194 -23.68 -31.47 1.29
CA MET B 194 -22.88 -31.11 2.46
C MET B 194 -22.89 -29.59 2.64
N TYR B 195 -22.68 -28.88 1.55
CA TYR B 195 -22.68 -27.41 1.60
C TYR B 195 -24.01 -26.86 2.09
N ARG B 196 -25.11 -27.46 1.61
CA ARG B 196 -26.44 -27.00 2.02
C ARG B 196 -26.60 -27.09 3.55
N HIS B 197 -25.95 -28.08 4.16
CA HIS B 197 -26.02 -28.25 5.61
C HIS B 197 -25.13 -27.21 6.30
N MET B 198 -23.88 -27.13 5.86
CA MET B 198 -22.92 -26.18 6.42
C MET B 198 -23.45 -24.75 6.35
N GLU B 199 -24.00 -24.38 5.20
CA GLU B 199 -24.52 -23.02 5.00
C GLU B 199 -25.46 -22.59 6.12
N LYS B 200 -26.13 -23.56 6.74
CA LYS B 200 -27.06 -23.26 7.81
C LYS B 200 -26.43 -23.21 9.20
N HIS B 201 -25.17 -23.64 9.31
CA HIS B 201 -24.50 -23.67 10.61
C HIS B 201 -23.17 -22.93 10.71
N ASN B 202 -22.68 -22.40 9.59
CA ASN B 202 -21.40 -21.69 9.55
C ASN B 202 -21.27 -20.59 10.61
N TYR B 203 -20.08 -20.46 11.19
CA TYR B 203 -19.81 -19.47 12.22
C TYR B 203 -19.12 -18.21 11.73
N GLU B 204 -19.12 -17.18 12.57
CA GLU B 204 -18.51 -15.90 12.22
C GLU B 204 -16.99 -15.95 12.25
N SER B 205 -16.42 -16.77 13.12
CA SER B 205 -14.96 -16.87 13.21
C SER B 205 -14.55 -18.27 13.63
N ALA B 206 -13.29 -18.61 13.35
CA ALA B 206 -12.75 -19.91 13.71
C ALA B 206 -12.78 -20.08 15.23
N ALA B 207 -12.48 -19.01 15.95
CA ALA B 207 -12.48 -19.05 17.41
C ALA B 207 -13.83 -19.45 18.00
N GLU B 208 -14.90 -18.91 17.44
CA GLU B 208 -16.24 -19.22 17.92
C GLU B 208 -16.65 -20.66 17.59
N ALA B 209 -16.25 -21.14 16.41
CA ALA B 209 -16.56 -22.50 15.99
C ALA B 209 -15.85 -23.51 16.89
N ILE B 210 -14.59 -23.25 17.20
CA ILE B 210 -13.83 -24.14 18.06
C ILE B 210 -14.47 -24.20 19.45
N GLN B 211 -14.92 -23.05 19.93
CA GLN B 211 -15.55 -23.00 21.26
C GLN B 211 -16.85 -23.78 21.24
N ALA B 212 -17.57 -23.72 20.12
CA ALA B 212 -18.84 -24.43 19.97
C ALA B 212 -18.63 -25.94 20.03
N VAL B 213 -17.51 -26.41 19.51
CA VAL B 213 -17.21 -27.84 19.54
C VAL B 213 -17.00 -28.25 20.98
N ARG B 214 -16.31 -27.41 21.76
CA ARG B 214 -16.06 -27.71 23.16
C ARG B 214 -17.33 -27.67 23.99
N ASP B 215 -18.26 -26.78 23.64
CA ASP B 215 -19.52 -26.66 24.38
C ASP B 215 -20.58 -27.62 23.85
N ASN B 216 -20.17 -28.52 22.96
CA ASN B 216 -21.08 -29.49 22.36
C ASN B 216 -22.23 -28.89 21.57
N LYS B 217 -22.02 -27.70 21.00
CA LYS B 217 -23.05 -27.04 20.20
C LYS B 217 -22.78 -27.32 18.73
N LEU B 218 -21.55 -27.71 18.44
CA LEU B 218 -21.11 -28.05 17.09
C LEU B 218 -20.35 -29.36 17.22
N HIS B 219 -20.75 -30.36 16.46
CA HIS B 219 -20.08 -31.66 16.54
C HIS B 219 -18.79 -31.73 15.73
N ALA B 220 -18.72 -31.00 14.62
CA ALA B 220 -17.53 -31.03 13.78
C ALA B 220 -17.20 -29.70 13.11
N PHE B 221 -15.93 -29.30 13.15
CA PHE B 221 -15.47 -28.06 12.54
C PHE B 221 -14.44 -28.37 11.46
N ILE B 222 -14.74 -27.98 10.22
CA ILE B 222 -13.85 -28.23 9.09
C ILE B 222 -12.97 -26.98 8.90
N TRP B 223 -11.65 -27.16 8.96
CA TRP B 223 -10.74 -26.01 8.86
C TRP B 223 -9.33 -26.45 8.48
N ASP B 224 -8.40 -25.51 8.40
CA ASP B 224 -7.01 -25.84 8.03
C ASP B 224 -6.46 -26.90 8.97
N SER B 225 -5.73 -27.86 8.41
CA SER B 225 -5.17 -28.97 9.19
C SER B 225 -4.11 -28.60 10.21
N ALA B 226 -3.24 -27.65 9.87
CA ALA B 226 -2.20 -27.23 10.80
C ALA B 226 -2.84 -26.52 11.98
N VAL B 227 -3.77 -25.61 11.70
CA VAL B 227 -4.46 -24.88 12.76
C VAL B 227 -5.21 -25.82 13.71
N LEU B 228 -5.95 -26.78 13.15
CA LEU B 228 -6.70 -27.71 14.00
C LEU B 228 -5.81 -28.65 14.80
N GLU B 229 -4.73 -29.16 14.18
CA GLU B 229 -3.83 -30.04 14.91
C GLU B 229 -3.20 -29.26 16.06
N PHE B 230 -2.97 -27.97 15.83
CA PHE B 230 -2.40 -27.08 16.84
C PHE B 230 -3.41 -26.90 17.97
N GLU B 231 -4.63 -26.53 17.61
CA GLU B 231 -5.69 -26.32 18.59
C GLU B 231 -5.96 -27.57 19.41
N ALA B 232 -5.89 -28.73 18.76
CA ALA B 232 -6.12 -30.00 19.43
C ALA B 232 -5.05 -30.28 20.48
N SER B 233 -3.80 -30.04 20.12
CA SER B 233 -2.68 -30.27 21.05
C SER B 233 -2.81 -29.40 22.30
N GLN B 234 -3.54 -28.28 22.19
CA GLN B 234 -3.72 -27.36 23.31
C GLN B 234 -4.86 -27.73 24.26
N LYS B 235 -5.96 -28.21 23.70
CA LYS B 235 -7.14 -28.55 24.48
C LYS B 235 -7.34 -30.04 24.70
N CYS B 236 -7.44 -30.43 25.97
CA CYS B 236 -7.60 -31.82 26.35
C CYS B 236 -8.87 -32.50 25.83
N ASP B 237 -9.94 -31.72 25.66
CA ASP B 237 -11.20 -32.29 25.21
C ASP B 237 -11.38 -32.33 23.69
N LEU B 238 -10.34 -31.97 22.94
CA LEU B 238 -10.46 -31.96 21.48
C LEU B 238 -9.42 -32.80 20.75
N VAL B 239 -9.78 -33.24 19.55
CA VAL B 239 -8.90 -34.04 18.71
C VAL B 239 -9.28 -33.78 17.25
N THR B 240 -8.36 -34.06 16.33
CA THR B 240 -8.68 -33.93 14.91
C THR B 240 -8.97 -35.37 14.52
N THR B 241 -9.72 -35.57 13.43
CA THR B 241 -10.05 -36.93 13.02
C THR B 241 -10.15 -37.05 11.50
N GLY B 242 -9.92 -38.26 11.00
CA GLY B 242 -10.01 -38.52 9.57
C GLY B 242 -8.79 -38.21 8.72
N GLU B 243 -8.87 -38.60 7.44
CA GLU B 243 -7.78 -38.35 6.51
C GLU B 243 -7.91 -36.90 6.05
N LEU B 244 -6.78 -36.25 5.81
CA LEU B 244 -6.80 -34.86 5.34
C LEU B 244 -7.34 -34.83 3.91
N PHE B 245 -7.99 -33.73 3.53
CA PHE B 245 -8.54 -33.59 2.19
C PHE B 245 -8.34 -32.21 1.57
N PHE B 246 -8.56 -32.11 0.27
CA PHE B 246 -8.41 -30.85 -0.46
C PHE B 246 -7.00 -30.35 -0.20
N ARG B 247 -6.03 -31.15 -0.63
CA ARG B 247 -4.63 -30.85 -0.40
C ARG B 247 -4.00 -29.87 -1.37
N SER B 248 -2.93 -29.22 -0.90
CA SER B 248 -2.18 -28.27 -1.69
C SER B 248 -0.90 -28.00 -0.93
N GLY B 249 -0.39 -26.78 -1.03
CA GLY B 249 0.83 -26.47 -0.32
C GLY B 249 0.91 -25.00 0.01
N PHE B 250 1.82 -24.65 0.91
CA PHE B 250 2.02 -23.26 1.28
C PHE B 250 3.36 -22.88 0.66
N GLY B 251 3.44 -21.71 0.05
CA GLY B 251 4.70 -21.30 -0.54
C GLY B 251 4.99 -19.82 -0.37
N ILE B 252 6.25 -19.45 -0.48
CA ILE B 252 6.67 -18.05 -0.38
C ILE B 252 6.21 -17.34 -1.66
N GLY B 253 5.62 -16.17 -1.52
CA GLY B 253 5.15 -15.44 -2.70
C GLY B 253 6.09 -14.33 -3.14
N MET B 254 6.29 -14.22 -4.46
CA MET B 254 7.19 -13.21 -5.03
C MET B 254 6.64 -12.72 -6.37
N ARG B 255 7.00 -11.51 -6.76
CA ARG B 255 6.55 -10.98 -8.04
C ARG B 255 7.23 -11.80 -9.13
N LYS B 256 6.62 -11.83 -10.32
CA LYS B 256 7.15 -12.60 -11.44
C LYS B 256 8.61 -12.31 -11.82
N ASP B 257 9.00 -11.05 -11.78
CA ASP B 257 10.37 -10.67 -12.14
C ASP B 257 11.34 -10.64 -10.98
N SER B 258 11.03 -11.38 -9.91
CA SER B 258 11.90 -11.40 -8.73
C SER B 258 13.19 -12.20 -8.93
N PRO B 259 14.31 -11.64 -8.48
CA PRO B 259 15.63 -12.27 -8.59
C PRO B 259 15.87 -13.29 -7.48
N TRP B 260 14.90 -13.42 -6.57
CA TRP B 260 15.05 -14.34 -5.45
C TRP B 260 14.38 -15.70 -5.65
N LYS B 261 13.55 -15.80 -6.66
CA LYS B 261 12.82 -17.03 -6.96
C LYS B 261 13.68 -18.30 -6.85
N GLN B 262 14.62 -18.44 -7.78
CA GLN B 262 15.48 -19.62 -7.82
C GLN B 262 16.11 -19.96 -6.47
N ASN B 263 16.69 -18.96 -5.81
CA ASN B 263 17.36 -19.17 -4.53
C ASN B 263 16.41 -19.53 -3.39
N VAL B 264 15.20 -18.98 -3.41
CA VAL B 264 14.23 -19.30 -2.37
C VAL B 264 13.88 -20.77 -2.45
N SER B 265 13.51 -21.24 -3.65
CA SER B 265 13.16 -22.64 -3.84
C SER B 265 14.33 -23.57 -3.52
N LEU B 266 15.54 -23.15 -3.90
CA LEU B 266 16.72 -23.96 -3.62
C LEU B 266 16.89 -24.17 -2.12
N SER B 267 16.76 -23.08 -1.36
CA SER B 267 16.89 -23.16 0.08
C SER B 267 15.82 -24.07 0.69
N ILE B 268 14.58 -23.90 0.25
CA ILE B 268 13.48 -24.70 0.75
C ILE B 268 13.73 -26.19 0.48
N LEU B 269 14.14 -26.51 -0.75
CA LEU B 269 14.43 -27.89 -1.10
C LEU B 269 15.51 -28.43 -0.19
N LYS B 270 16.53 -27.62 0.08
CA LYS B 270 17.63 -28.04 0.94
C LYS B 270 17.13 -28.27 2.37
N SER B 271 16.28 -27.38 2.85
CA SER B 271 15.74 -27.50 4.20
C SER B 271 14.89 -28.75 4.36
N HIS B 272 14.25 -29.19 3.28
CA HIS B 272 13.42 -30.40 3.32
C HIS B 272 14.31 -31.63 3.43
N GLU B 273 15.53 -31.55 2.92
CA GLU B 273 16.44 -32.67 2.93
C GLU B 273 17.37 -32.77 4.13
N ASN B 274 17.69 -31.65 4.76
CA ASN B 274 18.58 -31.68 5.92
C ASN B 274 17.84 -31.74 7.25
N GLY B 275 16.51 -31.88 7.18
CA GLY B 275 15.72 -31.97 8.39
C GLY B 275 15.32 -30.65 9.03
N PHE B 276 15.67 -29.54 8.41
CA PHE B 276 15.33 -28.23 8.96
C PHE B 276 13.82 -28.03 9.04
N MET B 277 13.10 -28.35 7.96
CA MET B 277 11.64 -28.19 7.94
C MET B 277 10.96 -29.11 8.92
N GLU B 278 11.46 -30.34 9.03
CA GLU B 278 10.89 -31.32 9.95
C GLU B 278 11.02 -30.81 11.38
N ASP B 279 12.13 -30.15 11.69
CA ASP B 279 12.32 -29.61 13.03
C ASP B 279 11.30 -28.53 13.32
N LEU B 280 11.13 -27.61 12.36
CA LEU B 280 10.16 -26.53 12.52
C LEU B 280 8.80 -27.13 12.79
N ASP B 281 8.51 -28.22 12.09
CA ASP B 281 7.25 -28.90 12.25
C ASP B 281 7.18 -29.41 13.69
N LYS B 282 8.28 -30.02 14.14
CA LYS B 282 8.35 -30.56 15.49
C LYS B 282 8.26 -29.46 16.54
N THR B 283 8.86 -28.32 16.25
CA THR B 283 8.87 -27.20 17.18
C THR B 283 7.55 -26.44 17.32
N TRP B 284 6.88 -26.18 16.20
CA TRP B 284 5.64 -25.39 16.23
C TRP B 284 4.28 -26.06 16.07
N VAL B 285 4.22 -27.15 15.32
CA VAL B 285 2.94 -27.80 15.06
C VAL B 285 2.10 -28.26 16.25
N ARG B 286 2.69 -29.01 17.18
CA ARG B 286 1.95 -29.50 18.34
C ARG B 286 2.61 -29.20 19.69
N TYR B 287 1.80 -28.78 20.66
CA TYR B 287 2.28 -28.46 22.00
C TYR B 287 2.27 -29.67 22.93
N GLN B 288 3.42 -30.33 23.02
CA GLN B 288 3.63 -31.52 23.87
C GLN B 288 2.39 -32.09 24.54
N GLU B 289 1.90 -31.42 25.58
CA GLU B 289 0.72 -31.87 26.31
C GLU B 289 -0.38 -30.81 26.34
N CYS B 290 -1.62 -31.26 26.53
CA CYS B 290 -2.77 -30.37 26.57
C CYS B 290 -2.90 -29.63 27.89
N ASP B 291 -3.76 -28.62 27.91
CA ASP B 291 -4.01 -27.82 29.10
C ASP B 291 -5.37 -27.15 28.99
O1 DK1 C . -0.48 14.97 -9.28
C2 DK1 C . -1.55 15.52 -9.17
O2 DK1 C . -2.69 14.99 -9.48
C1 DK1 C . -1.67 16.91 -8.61
N1 DK1 C . -0.47 17.49 -8.26
C10 DK1 C . -0.38 18.77 -7.72
C9 DK1 C . 0.91 19.29 -7.39
C8 DK1 C . 0.97 20.58 -6.85
CL2 DK1 C . 2.51 21.23 -6.46
C7 DK1 C . -0.17 21.35 -6.61
C6 DK1 C . -1.41 20.84 -6.94
CL1 DK1 C . -2.71 21.90 -6.58
C5 DK1 C . -1.60 19.53 -7.51
C4 DK1 C . -2.91 18.92 -7.89
O3 DK1 C . -4.01 19.50 -7.76
C3 DK1 C . -2.86 17.58 -8.45
O1 DK1 D . -3.78 -18.58 1.57
C2 DK1 D . -4.93 -18.47 1.90
O2 DK1 D . -5.85 -17.92 1.19
C1 DK1 D . -5.41 -18.99 3.25
N1 DK1 D . -4.42 -19.57 4.01
C10 DK1 D . -4.64 -20.09 5.28
C9 DK1 D . -3.53 -20.65 5.98
C8 DK1 D . -3.75 -21.18 7.26
CL2 DK1 D . -2.43 -21.84 8.12
C7 DK1 D . -5.02 -21.17 7.86
C6 DK1 D . -6.10 -20.63 7.17
CL1 DK1 D . -7.58 -20.70 8.01
C5 DK1 D . -5.96 -20.04 5.84
C4 DK1 D . -7.07 -19.42 5.04
O3 DK1 D . -8.24 -19.33 5.43
C3 DK1 D . -6.69 -18.91 3.71
#